data_6ESX
#
_entry.id   6ESX
#
_cell.length_a   85.100
_cell.length_b   85.100
_cell.length_c   105.380
_cell.angle_alpha   90.00
_cell.angle_beta   90.00
_cell.angle_gamma   120.00
#
_symmetry.space_group_name_H-M   'P 65'
#
loop_
_entity.id
_entity.type
_entity.pdbx_description
1 polymer 'Thioredoxin 1'
2 water water
#
_entity_poly.entity_id   1
_entity_poly.type   'polypeptide(L)'
_entity_poly.pdbx_seq_one_letter_code
;MSTVAVTDATFEADVLKSSKPVLVDFWAEWCGPCKQIAPALEQLSEELADVVTIAKVNIEDSPTTPSRYGVRGIPTMMLF
RDGQMTSMKVGAMPKQKILEWLNEAGVQAALEHHHHHH
;
_entity_poly.pdbx_strand_id   A,B,C
#
# COMPACT_ATOMS: atom_id res chain seq x y z
N SER A 2 -12.61 -6.49 11.18
CA SER A 2 -13.46 -7.00 10.08
C SER A 2 -12.63 -7.84 9.10
N THR A 3 -13.30 -8.67 8.28
CA THR A 3 -12.62 -9.55 7.34
C THR A 3 -12.32 -8.84 6.02
N VAL A 4 -11.26 -9.31 5.36
CA VAL A 4 -10.82 -8.79 4.07
C VAL A 4 -11.50 -9.62 2.99
N ALA A 5 -12.21 -8.95 2.08
CA ALA A 5 -12.82 -9.64 0.94
C ALA A 5 -11.83 -9.70 -0.20
N VAL A 6 -11.47 -10.91 -0.62
CA VAL A 6 -10.44 -11.12 -1.61
C VAL A 6 -11.08 -11.69 -2.88
N THR A 7 -10.62 -11.20 -4.03
CA THR A 7 -11.04 -11.62 -5.37
C THR A 7 -9.90 -12.33 -6.09
N ASP A 8 -10.18 -12.84 -7.29
CA ASP A 8 -9.12 -13.46 -8.08
C ASP A 8 -8.04 -12.45 -8.43
N ALA A 9 -8.45 -11.20 -8.66
CA ALA A 9 -7.49 -10.17 -9.05
C ALA A 9 -6.60 -9.75 -7.88
N THR A 10 -7.13 -9.79 -6.66
CA THR A 10 -6.44 -9.33 -5.46
C THR A 10 -5.84 -10.45 -4.62
N PHE A 11 -5.97 -11.71 -5.04
CA PHE A 11 -5.55 -12.81 -4.16
C PHE A 11 -4.04 -12.83 -3.94
N GLU A 12 -3.25 -12.56 -4.97
CA GLU A 12 -1.82 -12.69 -4.71
C GLU A 12 -1.33 -11.56 -3.82
N ALA A 13 -1.93 -10.36 -3.91
CA ALA A 13 -1.47 -9.27 -3.06
C ALA A 13 -2.07 -9.36 -1.65
N ASP A 14 -3.35 -9.72 -1.53
CA ASP A 14 -3.97 -9.80 -0.20
C ASP A 14 -3.54 -11.05 0.56
N VAL A 15 -3.14 -12.11 -0.13
CA VAL A 15 -2.89 -13.38 0.54
C VAL A 15 -1.48 -13.93 0.32
N LEU A 16 -1.05 -14.15 -0.93
CA LEU A 16 0.21 -14.87 -1.06
C LEU A 16 1.40 -13.97 -0.73
N LYS A 17 1.26 -12.65 -0.86
CA LYS A 17 2.33 -11.74 -0.46
C LYS A 17 2.11 -11.13 0.91
N SER A 18 1.24 -11.74 1.74
CA SER A 18 1.02 -11.27 3.10
C SER A 18 2.20 -11.58 4.01
N SER A 19 2.53 -10.64 4.88
CA SER A 19 3.59 -10.78 5.87
C SER A 19 3.06 -11.44 7.14
N LYS A 20 1.90 -12.07 7.07
CA LYS A 20 1.25 -12.68 8.22
C LYS A 20 0.46 -13.89 7.75
N PRO A 21 0.24 -14.87 8.62
CA PRO A 21 -0.69 -15.96 8.28
C PRO A 21 -2.03 -15.40 7.82
N VAL A 22 -2.58 -15.99 6.77
CA VAL A 22 -3.91 -15.63 6.29
C VAL A 22 -4.81 -16.85 6.43
N LEU A 23 -5.99 -16.64 6.97
CA LEU A 23 -7.02 -17.66 6.94
C LEU A 23 -8.02 -17.31 5.85
N VAL A 24 -7.98 -18.05 4.76
CA VAL A 24 -8.84 -17.81 3.63
C VAL A 24 -10.07 -18.70 3.76
N ASP A 25 -11.25 -18.08 3.72
CA ASP A 25 -12.50 -18.81 3.83
C ASP A 25 -13.21 -18.76 2.51
N PHE A 26 -13.47 -19.94 1.94
CA PHE A 26 -14.21 -20.07 0.70
C PHE A 26 -15.68 -20.26 0.97
N TRP A 27 -16.52 -19.43 0.34
CA TRP A 27 -17.94 -19.45 0.62
C TRP A 27 -18.73 -19.15 -0.66
N ALA A 28 -20.05 -19.33 -0.55
CA ALA A 28 -20.99 -18.93 -1.58
C ALA A 28 -22.25 -18.42 -0.91
N GLU A 29 -22.92 -17.47 -1.56
CA GLU A 29 -24.10 -16.88 -0.95
C GLU A 29 -25.22 -17.90 -0.74
N TRP A 30 -25.17 -19.03 -1.45
CA TRP A 30 -26.20 -20.07 -1.41
C TRP A 30 -25.94 -21.16 -0.39
N CYS A 31 -24.80 -21.15 0.29
CA CYS A 31 -24.46 -22.18 1.26
CA CYS A 31 -24.46 -22.18 1.26
C CYS A 31 -24.89 -21.75 2.66
N GLY A 32 -25.53 -22.68 3.37
CA GLY A 32 -26.05 -22.37 4.68
C GLY A 32 -24.99 -22.40 5.76
N PRO A 33 -24.24 -23.50 5.81
CA PRO A 33 -23.08 -23.54 6.74
C PRO A 33 -22.17 -22.35 6.59
N CYS A 34 -21.97 -21.86 5.36
CA CYS A 34 -21.13 -20.69 5.15
CA CYS A 34 -21.11 -20.70 5.17
C CYS A 34 -21.67 -19.48 5.89
N LYS A 35 -22.99 -19.40 6.03
CA LYS A 35 -23.58 -18.30 6.78
C LYS A 35 -23.65 -18.61 8.27
N GLN A 36 -23.51 -19.87 8.65
CA GLN A 36 -23.46 -20.22 10.06
C GLN A 36 -22.13 -19.78 10.68
N ILE A 37 -21.01 -20.03 9.99
CA ILE A 37 -19.69 -19.65 10.52
C ILE A 37 -19.32 -18.21 10.21
N ALA A 38 -20.11 -17.50 9.42
CA ALA A 38 -19.72 -16.15 9.03
C ALA A 38 -19.59 -15.21 10.23
N PRO A 39 -20.47 -15.24 11.24
CA PRO A 39 -20.22 -14.41 12.42
C PRO A 39 -18.96 -14.82 13.16
N ALA A 40 -18.74 -16.12 13.33
CA ALA A 40 -17.56 -16.59 14.05
C ALA A 40 -16.27 -16.02 13.46
N LEU A 41 -16.20 -15.87 12.13
CA LEU A 41 -14.96 -15.35 11.57
C LEU A 41 -14.85 -13.83 11.67
N GLU A 42 -15.97 -13.12 11.79
CA GLU A 42 -15.82 -11.70 12.08
C GLU A 42 -15.38 -11.50 13.52
N GLN A 43 -15.74 -12.41 14.43
CA GLN A 43 -15.18 -12.33 15.77
C GLN A 43 -13.69 -12.67 15.76
N LEU A 44 -13.29 -13.74 15.05
CA LEU A 44 -11.87 -14.07 15.03
C LEU A 44 -11.08 -13.00 14.29
N SER A 45 -11.69 -12.33 13.31
CA SER A 45 -10.99 -11.29 12.58
C SER A 45 -10.48 -10.22 13.53
N GLU A 46 -11.32 -9.84 14.51
CA GLU A 46 -10.96 -8.80 15.47
C GLU A 46 -10.14 -9.36 16.62
N GLU A 47 -10.53 -10.53 17.14
CA GLU A 47 -9.76 -11.15 18.21
C GLU A 47 -8.32 -11.40 17.80
N LEU A 48 -8.08 -11.82 16.56
CA LEU A 48 -6.76 -12.17 16.08
C LEU A 48 -6.12 -11.09 15.20
N ALA A 49 -6.66 -9.85 15.26
CA ALA A 49 -5.98 -8.75 14.60
C ALA A 49 -4.54 -8.65 15.05
N ASP A 50 -3.66 -8.25 14.13
CA ASP A 50 -2.21 -8.19 14.36
C ASP A 50 -1.56 -9.55 14.52
N VAL A 51 -2.32 -10.65 14.34
CA VAL A 51 -1.76 -12.00 14.38
C VAL A 51 -2.11 -12.78 13.12
N VAL A 52 -3.39 -12.76 12.73
CA VAL A 52 -3.84 -13.52 11.56
C VAL A 52 -4.82 -12.69 10.77
N THR A 53 -4.57 -12.52 9.48
CA THR A 53 -5.59 -11.95 8.62
C THR A 53 -6.62 -13.03 8.29
N ILE A 54 -7.91 -12.67 8.29
CA ILE A 54 -8.96 -13.60 7.91
C ILE A 54 -9.65 -13.08 6.66
N ALA A 55 -9.46 -13.78 5.54
CA ALA A 55 -9.93 -13.36 4.23
C ALA A 55 -11.14 -14.19 3.82
N LYS A 56 -12.03 -13.58 3.02
CA LYS A 56 -13.20 -14.27 2.50
C LYS A 56 -13.16 -14.21 0.97
N VAL A 57 -13.22 -15.38 0.35
CA VAL A 57 -13.26 -15.51 -1.11
C VAL A 57 -14.59 -16.13 -1.51
N ASN A 58 -15.29 -15.46 -2.41
CA ASN A 58 -16.58 -15.95 -2.86
C ASN A 58 -16.34 -16.76 -4.13
N ILE A 59 -16.67 -18.06 -4.07
CA ILE A 59 -16.29 -18.97 -5.15
C ILE A 59 -17.14 -18.76 -6.38
N GLU A 60 -18.26 -18.04 -6.27
CA GLU A 60 -19.06 -17.74 -7.44
C GLU A 60 -18.61 -16.50 -8.18
N ASP A 61 -17.95 -15.57 -7.49
CA ASP A 61 -17.41 -14.39 -8.15
C ASP A 61 -15.97 -14.55 -8.55
N SER A 62 -15.23 -15.42 -7.86
CA SER A 62 -13.80 -15.61 -8.09
C SER A 62 -13.51 -17.11 -8.20
N PRO A 63 -13.69 -17.69 -9.41
CA PRO A 63 -13.53 -19.14 -9.58
C PRO A 63 -12.09 -19.64 -9.62
N THR A 64 -11.11 -18.82 -10.01
CA THR A 64 -9.79 -19.36 -10.31
C THR A 64 -9.08 -19.81 -9.04
N THR A 65 -9.24 -19.06 -7.96
CA THR A 65 -8.50 -19.32 -6.75
C THR A 65 -8.95 -20.63 -6.10
N PRO A 66 -10.25 -20.92 -6.00
CA PRO A 66 -10.63 -22.27 -5.51
C PRO A 66 -10.23 -23.40 -6.44
N SER A 67 -10.29 -23.20 -7.75
CA SER A 67 -9.81 -24.22 -8.67
C SER A 67 -8.36 -24.55 -8.36
N ARG A 68 -7.52 -23.52 -8.20
CA ARG A 68 -6.08 -23.72 -8.04
C ARG A 68 -5.74 -24.50 -6.77
N TYR A 69 -6.56 -24.44 -5.74
CA TYR A 69 -6.25 -25.15 -4.50
C TYR A 69 -7.20 -26.31 -4.21
N GLY A 70 -7.97 -26.76 -5.19
CA GLY A 70 -8.63 -28.04 -5.02
C GLY A 70 -9.81 -28.01 -4.08
N VAL A 71 -10.57 -26.92 -4.09
CA VAL A 71 -11.77 -26.84 -3.27
C VAL A 71 -12.83 -27.74 -3.90
N ARG A 72 -13.39 -28.64 -3.11
CA ARG A 72 -14.45 -29.49 -3.58
C ARG A 72 -15.76 -29.25 -2.86
N GLY A 73 -15.71 -28.70 -1.64
CA GLY A 73 -16.91 -28.33 -0.93
C GLY A 73 -16.70 -27.03 -0.19
N ILE A 74 -17.82 -26.46 0.27
CA ILE A 74 -17.79 -25.21 1.05
C ILE A 74 -18.69 -25.33 2.28
N PRO A 75 -18.32 -24.66 3.37
CA PRO A 75 -17.12 -23.86 3.62
C PRO A 75 -15.82 -24.65 3.57
N THR A 76 -14.79 -24.03 3.04
CA THR A 76 -13.45 -24.58 3.13
C THR A 76 -12.56 -23.47 3.66
N MET A 77 -11.85 -23.77 4.73
CA MET A 77 -10.91 -22.81 5.31
C MET A 77 -9.50 -23.32 5.08
N MET A 78 -8.64 -22.46 4.55
CA MET A 78 -7.26 -22.79 4.28
C MET A 78 -6.36 -21.73 4.87
N LEU A 79 -5.31 -22.17 5.54
CA LEU A 79 -4.35 -21.26 6.09
C LEU A 79 -3.18 -21.14 5.12
N PHE A 80 -2.76 -19.91 4.87
CA PHE A 80 -1.63 -19.63 3.99
C PHE A 80 -0.51 -19.01 4.81
N ARG A 81 0.73 -19.35 4.45
CA ARG A 81 1.86 -18.80 5.18
C ARG A 81 2.99 -18.62 4.18
N ASP A 82 3.46 -17.38 4.04
CA ASP A 82 4.50 -16.99 3.08
C ASP A 82 4.27 -17.62 1.71
N GLY A 83 3.06 -17.41 1.18
CA GLY A 83 2.73 -17.77 -0.17
C GLY A 83 2.31 -19.22 -0.35
N GLN A 84 2.30 -20.02 0.71
CA GLN A 84 2.03 -21.45 0.60
C GLN A 84 0.83 -21.83 1.46
N MET A 85 0.02 -22.75 0.93
CA MET A 85 -1.10 -23.31 1.66
C MET A 85 -0.64 -24.47 2.53
N THR A 86 -0.84 -24.34 3.86
CA THR A 86 -0.24 -25.26 4.81
C THR A 86 -1.21 -26.22 5.48
N SER A 87 -2.51 -25.94 5.44
CA SER A 87 -3.50 -26.69 6.22
C SER A 87 -4.89 -26.38 5.65
N MET A 88 -5.88 -27.19 6.00
CA MET A 88 -7.23 -26.86 5.56
C MET A 88 -8.25 -27.53 6.46
N LYS A 89 -9.48 -26.99 6.43
CA LYS A 89 -10.61 -27.53 7.17
C LYS A 89 -11.86 -27.35 6.32
N VAL A 90 -12.64 -28.42 6.21
CA VAL A 90 -13.84 -28.44 5.39
C VAL A 90 -15.04 -28.50 6.30
N GLY A 91 -16.10 -27.80 5.93
CA GLY A 91 -17.34 -27.82 6.67
C GLY A 91 -17.37 -26.81 7.81
N ALA A 92 -18.60 -26.52 8.25
CA ALA A 92 -18.81 -25.63 9.39
C ALA A 92 -18.16 -26.20 10.64
N MET A 93 -17.75 -25.31 11.54
CA MET A 93 -16.95 -25.73 12.68
C MET A 93 -17.12 -24.70 13.78
N PRO A 94 -17.20 -25.12 15.05
CA PRO A 94 -17.32 -24.15 16.15
C PRO A 94 -16.15 -23.18 16.17
N LYS A 95 -16.40 -22.00 16.75
CA LYS A 95 -15.35 -21.00 16.83
C LYS A 95 -14.12 -21.52 17.58
N GLN A 96 -14.33 -22.33 18.62
CA GLN A 96 -13.19 -22.77 19.41
C GLN A 96 -12.38 -23.84 18.69
N LYS A 97 -12.99 -24.62 17.80
CA LYS A 97 -12.21 -25.60 17.05
C LYS A 97 -11.26 -24.93 16.06
N ILE A 98 -11.67 -23.78 15.51
CA ILE A 98 -10.84 -23.04 14.57
C ILE A 98 -9.66 -22.42 15.29
N LEU A 99 -9.87 -21.88 16.50
CA LEU A 99 -8.77 -21.42 17.33
C LEU A 99 -7.81 -22.54 17.67
N GLU A 100 -8.34 -23.73 17.98
CA GLU A 100 -7.43 -24.83 18.32
C GLU A 100 -6.61 -25.19 17.11
N TRP A 101 -7.25 -25.20 15.94
CA TRP A 101 -6.56 -25.49 14.69
C TRP A 101 -5.51 -24.44 14.37
N LEU A 102 -5.82 -23.16 14.55
CA LEU A 102 -4.80 -22.17 14.26
C LEU A 102 -3.69 -22.18 15.31
N ASN A 103 -3.99 -22.62 16.52
CA ASN A 103 -2.94 -22.72 17.53
C ASN A 103 -1.96 -23.83 17.16
N GLU A 104 -2.48 -24.96 16.67
CA GLU A 104 -1.60 -26.05 16.33
C GLU A 104 -0.91 -25.81 15.00
N ALA A 105 -1.57 -25.13 14.07
CA ALA A 105 -0.87 -24.67 12.87
C ALA A 105 0.28 -23.74 13.24
N GLY A 106 0.08 -22.84 14.21
CA GLY A 106 1.13 -21.92 14.59
C GLY A 106 2.28 -22.60 15.32
N VAL A 107 1.97 -23.59 16.15
CA VAL A 107 3.02 -24.35 16.83
C VAL A 107 3.83 -25.15 15.83
N GLN A 108 3.15 -25.84 14.92
CA GLN A 108 3.86 -26.67 13.96
C GLN A 108 4.73 -25.83 13.03
N ALA A 109 4.26 -24.65 12.64
CA ALA A 109 5.08 -23.82 11.77
C ALA A 109 6.31 -23.30 12.49
N ALA A 110 6.24 -23.17 13.80
CA ALA A 110 7.39 -22.63 14.51
C ALA A 110 8.44 -23.69 14.76
N LEU A 111 8.07 -24.96 14.72
CA LEU A 111 9.01 -26.03 15.03
C LEU A 111 9.65 -26.63 13.78
N GLU A 112 9.31 -26.14 12.59
CA GLU A 112 9.89 -26.62 11.34
C GLU A 112 10.98 -25.70 10.72
N SER B 2 -7.00 -2.47 -24.17
CA SER B 2 -7.88 -1.35 -23.80
C SER B 2 -7.68 -0.90 -22.34
N THR B 3 -7.92 0.39 -22.07
CA THR B 3 -7.63 0.97 -20.77
C THR B 3 -8.77 0.75 -19.78
N VAL B 4 -8.37 0.55 -18.52
CA VAL B 4 -9.28 0.33 -17.42
C VAL B 4 -9.61 1.68 -16.81
N ALA B 5 -10.90 1.97 -16.68
CA ALA B 5 -11.31 3.19 -16.01
C ALA B 5 -11.43 2.87 -14.51
N VAL B 6 -10.67 3.58 -13.71
CA VAL B 6 -10.63 3.34 -12.27
C VAL B 6 -11.25 4.53 -11.58
N THR B 7 -12.04 4.25 -10.54
CA THR B 7 -12.70 5.25 -9.72
C THR B 7 -12.08 5.24 -8.32
N ASP B 8 -12.58 6.15 -7.49
CA ASP B 8 -12.18 6.14 -6.09
C ASP B 8 -12.57 4.82 -5.45
N ALA B 9 -13.71 4.25 -5.88
CA ALA B 9 -14.20 3.03 -5.28
C ALA B 9 -13.38 1.82 -5.72
N THR B 10 -12.90 1.80 -6.96
CA THR B 10 -12.18 0.63 -7.44
C THR B 10 -10.66 0.78 -7.38
N PHE B 11 -10.14 1.92 -6.92
CA PHE B 11 -8.70 2.15 -7.03
C PHE B 11 -7.89 1.19 -6.16
N GLU B 12 -8.39 0.84 -4.97
CA GLU B 12 -7.56 0.00 -4.10
C GLU B 12 -7.40 -1.38 -4.69
N ALA B 13 -8.44 -1.93 -5.31
CA ALA B 13 -8.40 -3.26 -5.88
C ALA B 13 -7.81 -3.29 -7.29
N ASP B 14 -8.19 -2.35 -8.12
CA ASP B 14 -7.73 -2.43 -9.49
C ASP B 14 -6.29 -1.97 -9.64
N VAL B 15 -5.79 -1.16 -8.70
CA VAL B 15 -4.46 -0.56 -8.83
C VAL B 15 -3.57 -0.99 -7.68
N LEU B 16 -3.91 -0.67 -6.43
CA LEU B 16 -2.87 -0.90 -5.43
C LEU B 16 -2.74 -2.36 -5.08
N LYS B 17 -3.79 -3.16 -5.28
CA LYS B 17 -3.68 -4.61 -5.10
C LYS B 17 -3.50 -5.34 -6.44
N SER B 18 -3.05 -4.62 -7.47
CA SER B 18 -2.73 -5.24 -8.75
C SER B 18 -1.43 -6.04 -8.65
N SER B 19 -1.38 -7.15 -9.36
CA SER B 19 -0.19 -7.98 -9.44
C SER B 19 0.79 -7.50 -10.52
N LYS B 20 0.27 -6.89 -11.61
CA LYS B 20 0.98 -6.29 -12.73
C LYS B 20 1.26 -4.81 -12.41
N PRO B 21 2.33 -4.24 -12.95
CA PRO B 21 2.50 -2.78 -12.85
C PRO B 21 1.30 -2.09 -13.47
N VAL B 22 0.84 -1.00 -12.85
CA VAL B 22 -0.24 -0.19 -13.41
C VAL B 22 0.30 1.22 -13.69
N LEU B 23 0.01 1.74 -14.89
CA LEU B 23 0.26 3.14 -15.20
C LEU B 23 -1.07 3.86 -15.10
N VAL B 24 -1.22 4.72 -14.11
CA VAL B 24 -2.45 5.46 -13.89
C VAL B 24 -2.34 6.83 -14.55
N ASP B 25 -3.34 7.17 -15.35
CA ASP B 25 -3.39 8.47 -16.01
C ASP B 25 -4.50 9.26 -15.34
N PHE B 26 -4.15 10.41 -14.79
CA PHE B 26 -5.14 11.31 -14.21
C PHE B 26 -5.55 12.31 -15.28
N TRP B 27 -6.86 12.41 -15.54
CA TRP B 27 -7.35 13.25 -16.62
C TRP B 27 -8.65 13.94 -16.22
N ALA B 28 -9.07 14.87 -17.07
CA ALA B 28 -10.37 15.52 -16.95
C ALA B 28 -10.85 15.93 -18.34
N GLU B 29 -12.17 15.94 -18.52
CA GLU B 29 -12.72 16.20 -19.84
C GLU B 29 -12.39 17.60 -20.35
N TRP B 30 -12.01 18.53 -19.48
CA TRP B 30 -11.77 19.92 -19.88
C TRP B 30 -10.33 20.20 -20.27
N CYS B 31 -9.49 19.18 -20.44
CA CYS B 31 -8.04 19.36 -20.57
CA CYS B 31 -8.04 19.36 -20.57
C CYS B 31 -7.60 19.00 -21.98
N GLY B 32 -7.04 19.97 -22.70
CA GLY B 32 -6.56 19.72 -24.03
C GLY B 32 -5.44 18.70 -24.10
N PRO B 33 -4.38 18.91 -23.31
CA PRO B 33 -3.30 17.90 -23.25
C PRO B 33 -3.78 16.48 -22.98
N CYS B 34 -4.73 16.31 -22.05
CA CYS B 34 -5.26 14.98 -21.76
CA CYS B 34 -5.24 14.98 -21.77
C CYS B 34 -5.82 14.31 -23.01
N LYS B 35 -6.51 15.09 -23.86
CA LYS B 35 -7.09 14.53 -25.09
C LYS B 35 -6.06 14.33 -26.19
N GLN B 36 -4.87 14.95 -26.07
CA GLN B 36 -3.82 14.68 -27.06
C GLN B 36 -3.18 13.32 -26.83
N ILE B 37 -2.87 12.97 -25.57
CA ILE B 37 -2.22 11.68 -25.27
C ILE B 37 -3.17 10.50 -25.14
N ALA B 38 -4.48 10.71 -25.24
CA ALA B 38 -5.40 9.59 -25.06
C ALA B 38 -5.23 8.48 -26.09
N PRO B 39 -5.05 8.76 -27.39
CA PRO B 39 -4.81 7.62 -28.30
C PRO B 39 -3.53 6.88 -27.97
N ALA B 40 -2.46 7.61 -27.66
CA ALA B 40 -1.21 6.98 -27.31
C ALA B 40 -1.38 5.93 -26.21
N LEU B 41 -2.24 6.20 -25.22
CA LEU B 41 -2.33 5.22 -24.14
C LEU B 41 -3.21 4.04 -24.51
N GLU B 42 -4.16 4.21 -25.42
CA GLU B 42 -4.89 3.01 -25.86
C GLU B 42 -4.00 2.18 -26.77
N GLN B 43 -3.12 2.82 -27.55
CA GLN B 43 -2.17 2.02 -28.32
C GLN B 43 -1.22 1.30 -27.37
N LEU B 44 -0.79 1.97 -26.29
CA LEU B 44 0.09 1.30 -25.35
C LEU B 44 -0.63 0.20 -24.58
N SER B 45 -1.92 0.38 -24.29
CA SER B 45 -2.67 -0.63 -23.55
C SER B 45 -2.68 -1.96 -24.29
N GLU B 46 -2.77 -1.92 -25.62
CA GLU B 46 -2.81 -3.12 -26.44
C GLU B 46 -1.41 -3.67 -26.64
N GLU B 47 -0.44 -2.78 -26.88
CA GLU B 47 0.95 -3.20 -27.02
C GLU B 47 1.44 -3.88 -25.75
N LEU B 48 1.16 -3.29 -24.58
CA LEU B 48 1.79 -3.74 -23.35
C LEU B 48 0.89 -4.60 -22.48
N ALA B 49 -0.21 -5.12 -23.04
CA ALA B 49 -1.06 -6.07 -22.33
C ALA B 49 -0.24 -7.22 -21.78
N ASP B 50 -0.68 -7.77 -20.64
CA ASP B 50 0.00 -8.84 -19.92
C ASP B 50 1.34 -8.37 -19.38
N VAL B 51 1.68 -7.09 -19.54
CA VAL B 51 2.89 -6.51 -18.96
C VAL B 51 2.57 -5.32 -18.10
N VAL B 52 1.74 -4.40 -18.58
CA VAL B 52 1.38 -3.19 -17.86
C VAL B 52 -0.10 -2.95 -18.06
N THR B 53 -0.84 -2.82 -16.96
CA THR B 53 -2.21 -2.32 -17.00
C THR B 53 -2.17 -0.81 -17.12
N ILE B 54 -3.02 -0.24 -17.98
CA ILE B 54 -3.08 1.22 -18.10
C ILE B 54 -4.43 1.73 -17.65
N ALA B 55 -4.44 2.45 -16.53
CA ALA B 55 -5.67 2.94 -15.90
C ALA B 55 -5.84 4.43 -16.10
N LYS B 56 -7.08 4.86 -16.25
CA LYS B 56 -7.41 6.27 -16.37
C LYS B 56 -8.39 6.63 -15.27
N VAL B 57 -8.02 7.65 -14.51
CA VAL B 57 -8.82 8.14 -13.38
C VAL B 57 -9.26 9.55 -13.74
N ASN B 58 -10.57 9.80 -13.66
CA ASN B 58 -11.10 11.12 -14.00
C ASN B 58 -11.21 11.92 -12.71
N ILE B 59 -10.45 13.01 -12.63
CA ILE B 59 -10.33 13.74 -11.37
C ILE B 59 -11.59 14.53 -11.06
N GLU B 60 -12.50 14.67 -12.02
CA GLU B 60 -13.76 15.33 -11.76
C GLU B 60 -14.80 14.36 -11.23
N ASP B 61 -14.63 13.06 -11.47
CA ASP B 61 -15.49 12.04 -10.86
C ASP B 61 -14.87 11.40 -9.63
N SER B 62 -13.55 11.31 -9.55
CA SER B 62 -12.89 10.61 -8.46
C SER B 62 -11.77 11.51 -7.95
N PRO B 63 -12.08 12.42 -7.04
CA PRO B 63 -11.09 13.38 -6.55
C PRO B 63 -10.15 12.82 -5.48
N THR B 64 -10.57 11.79 -4.74
CA THR B 64 -9.84 11.42 -3.54
C THR B 64 -8.48 10.80 -3.87
N THR B 65 -8.43 10.01 -4.91
CA THR B 65 -7.17 9.34 -5.20
C THR B 65 -6.08 10.31 -5.68
N PRO B 66 -6.38 11.28 -6.55
CA PRO B 66 -5.33 12.25 -6.91
C PRO B 66 -4.83 13.12 -5.75
N SER B 67 -5.66 13.44 -4.74
CA SER B 67 -5.14 14.17 -3.58
C SER B 67 -4.04 13.39 -2.88
N ARG B 68 -4.30 12.11 -2.62
CA ARG B 68 -3.39 11.27 -1.85
C ARG B 68 -2.05 11.12 -2.55
N TYR B 69 -1.99 11.29 -3.87
CA TYR B 69 -0.71 11.17 -4.58
C TYR B 69 -0.24 12.52 -5.14
N GLY B 70 -0.90 13.61 -4.75
CA GLY B 70 -0.36 14.94 -4.95
C GLY B 70 -0.42 15.43 -6.37
N VAL B 71 -1.50 15.14 -7.09
CA VAL B 71 -1.61 15.61 -8.46
C VAL B 71 -1.86 17.12 -8.43
N ARG B 72 -1.06 17.86 -9.19
CA ARG B 72 -1.26 19.30 -9.27
C ARG B 72 -1.63 19.80 -10.65
N GLY B 73 -1.26 19.08 -11.71
CA GLY B 73 -1.67 19.41 -13.06
C GLY B 73 -2.03 18.14 -13.83
N ILE B 74 -2.66 18.34 -14.97
CA ILE B 74 -3.05 17.21 -15.79
C ILE B 74 -2.67 17.42 -17.25
N PRO B 75 -2.31 16.34 -17.96
CA PRO B 75 -2.13 14.95 -17.53
C PRO B 75 -1.03 14.73 -16.49
N THR B 76 -1.28 13.79 -15.59
CA THR B 76 -0.25 13.26 -14.70
C THR B 76 -0.31 11.75 -14.84
N MET B 77 0.81 11.12 -15.17
CA MET B 77 0.90 9.66 -15.26
C MET B 77 1.77 9.15 -14.15
N MET B 78 1.28 8.16 -13.42
CA MET B 78 2.03 7.56 -12.32
C MET B 78 2.11 6.06 -12.51
N LEU B 79 3.29 5.53 -12.24
CA LEU B 79 3.52 4.10 -12.32
C LEU B 79 3.37 3.54 -10.92
N PHE B 80 2.58 2.48 -10.77
CA PHE B 80 2.41 1.83 -9.47
C PHE B 80 2.91 0.39 -9.53
N ARG B 81 3.50 -0.07 -8.42
CA ARG B 81 3.97 -1.45 -8.30
C ARG B 81 3.86 -1.86 -6.84
N ASP B 82 3.18 -2.98 -6.60
CA ASP B 82 2.92 -3.50 -5.25
C ASP B 82 2.49 -2.41 -4.27
N GLY B 83 1.45 -1.66 -4.66
CA GLY B 83 0.82 -0.73 -3.75
C GLY B 83 1.54 0.59 -3.59
N GLN B 84 2.65 0.79 -4.28
CA GLN B 84 3.51 1.95 -4.08
C GLN B 84 3.63 2.75 -5.37
N MET B 85 3.69 4.08 -5.25
CA MET B 85 3.89 4.96 -6.40
C MET B 85 5.38 5.06 -6.69
N THR B 86 5.77 4.68 -7.91
CA THR B 86 7.15 4.44 -8.26
C THR B 86 7.74 5.54 -9.11
N SER B 87 6.91 6.33 -9.76
CA SER B 87 7.38 7.28 -10.74
C SER B 87 6.19 8.18 -11.05
N MET B 88 6.47 9.28 -11.74
CA MET B 88 5.44 10.22 -12.14
C MET B 88 5.98 10.98 -13.36
N LYS B 89 5.07 11.43 -14.21
CA LYS B 89 5.44 12.29 -15.34
C LYS B 89 4.25 13.21 -15.59
N VAL B 90 4.52 14.50 -15.66
CA VAL B 90 3.48 15.52 -15.78
C VAL B 90 3.55 16.12 -17.17
N GLY B 91 2.37 16.38 -17.74
CA GLY B 91 2.19 16.96 -19.06
C GLY B 91 2.14 15.93 -20.18
N ALA B 92 1.53 16.36 -21.29
CA ALA B 92 1.47 15.51 -22.46
C ALA B 92 2.87 15.20 -22.95
N MET B 93 3.03 14.01 -23.55
CA MET B 93 4.33 13.49 -23.88
C MET B 93 4.14 12.54 -25.03
N PRO B 94 5.07 12.52 -25.99
CA PRO B 94 4.96 11.60 -27.12
C PRO B 94 4.94 10.15 -26.64
N LYS B 95 4.31 9.30 -27.44
CA LYS B 95 4.23 7.89 -27.06
C LYS B 95 5.61 7.29 -26.88
N GLN B 96 6.54 7.62 -27.77
CA GLN B 96 7.82 6.97 -27.65
C GLN B 96 8.56 7.47 -26.42
N LYS B 97 8.28 8.70 -26.00
CA LYS B 97 8.82 9.16 -24.72
C LYS B 97 8.13 8.45 -23.56
N ILE B 98 6.84 8.13 -23.70
CA ILE B 98 6.14 7.41 -22.63
C ILE B 98 6.66 5.99 -22.54
N LEU B 99 6.91 5.37 -23.70
CA LEU B 99 7.49 4.03 -23.74
C LEU B 99 8.86 3.99 -23.07
N GLU B 100 9.68 5.02 -23.30
CA GLU B 100 11.02 5.07 -22.71
C GLU B 100 10.93 5.23 -21.20
N TRP B 101 10.01 6.05 -20.73
CA TRP B 101 9.87 6.24 -19.29
C TRP B 101 9.52 4.93 -18.60
N LEU B 102 8.61 4.16 -19.18
CA LEU B 102 8.26 2.91 -18.51
C LEU B 102 9.42 1.92 -18.56
N ASN B 103 10.26 2.02 -19.58
CA ASN B 103 11.37 1.09 -19.65
C ASN B 103 12.39 1.37 -18.55
N GLU B 104 12.64 2.66 -18.25
CA GLU B 104 13.60 2.98 -17.20
C GLU B 104 13.01 2.80 -15.80
N ALA B 105 11.72 3.07 -15.63
CA ALA B 105 11.05 2.74 -14.38
C ALA B 105 11.12 1.24 -14.12
N GLY B 106 11.00 0.43 -15.16
CA GLY B 106 11.07 -1.01 -14.98
C GLY B 106 12.47 -1.47 -14.61
N VAL B 107 13.49 -0.84 -15.19
CA VAL B 107 14.86 -1.20 -14.84
C VAL B 107 15.16 -0.77 -13.42
N GLN B 108 14.76 0.45 -13.03
CA GLN B 108 15.03 0.88 -11.67
C GLN B 108 14.32 -0.04 -10.68
N ALA B 109 13.11 -0.44 -11.03
CA ALA B 109 12.32 -1.28 -10.14
C ALA B 109 12.94 -2.66 -9.95
N ALA B 110 13.78 -3.09 -10.88
CA ALA B 110 14.40 -4.40 -10.75
C ALA B 110 15.69 -4.36 -9.93
N LEU B 111 16.31 -3.20 -9.79
CA LEU B 111 17.56 -3.04 -9.06
C LEU B 111 17.44 -2.44 -7.65
N SER C 2 4.10 2.56 3.72
CA SER C 2 5.55 2.47 3.53
C SER C 2 6.37 3.13 4.64
N THR C 3 5.83 4.19 5.23
CA THR C 3 6.43 4.90 6.35
C THR C 3 6.00 4.27 7.66
N VAL C 4 6.81 4.48 8.69
CA VAL C 4 6.54 3.95 10.03
C VAL C 4 5.69 4.99 10.74
N ALA C 5 4.52 4.58 11.21
CA ALA C 5 3.65 5.44 12.02
C ALA C 5 4.01 5.28 13.48
N VAL C 6 4.44 6.36 14.10
CA VAL C 6 5.00 6.36 15.44
C VAL C 6 4.05 7.07 16.39
N THR C 7 3.92 6.51 17.57
CA THR C 7 3.13 7.10 18.63
C THR C 7 4.03 7.52 19.79
N ASP C 8 3.41 8.16 20.79
CA ASP C 8 4.15 8.50 22.01
C ASP C 8 4.69 7.24 22.70
N ALA C 9 3.94 6.13 22.62
CA ALA C 9 4.38 4.90 23.27
C ALA C 9 5.56 4.27 22.56
N THR C 10 5.62 4.39 21.24
CA THR C 10 6.65 3.72 20.45
C THR C 10 7.80 4.62 20.03
N PHE C 11 7.83 5.91 20.45
CA PHE C 11 8.87 6.82 19.98
C PHE C 11 10.25 6.38 20.49
N GLU C 12 10.33 5.83 21.70
CA GLU C 12 11.65 5.48 22.23
C GLU C 12 12.24 4.30 21.48
N ALA C 13 11.40 3.33 21.10
CA ALA C 13 11.94 2.15 20.42
C ALA C 13 12.10 2.39 18.93
N ASP C 14 11.08 2.98 18.30
CA ASP C 14 11.07 3.11 16.84
C ASP C 14 12.01 4.19 16.33
N VAL C 15 12.35 5.17 17.16
CA VAL C 15 13.15 6.29 16.70
C VAL C 15 14.46 6.39 17.47
N LEU C 16 14.39 6.55 18.80
CA LEU C 16 15.63 6.89 19.51
C LEU C 16 16.54 5.69 19.74
N LYS C 17 16.02 4.47 19.71
CA LYS C 17 16.89 3.29 19.78
C LYS C 17 17.13 2.67 18.41
N SER C 18 16.86 3.42 17.34
CA SER C 18 17.12 2.96 15.98
C SER C 18 18.62 2.97 15.67
N SER C 19 19.05 1.95 14.93
CA SER C 19 20.44 1.84 14.48
C SER C 19 20.68 2.56 13.17
N LYS C 20 19.63 3.13 12.57
CA LYS C 20 19.72 3.90 11.35
C LYS C 20 19.14 5.29 11.59
N PRO C 21 19.62 6.32 10.87
CA PRO C 21 19.02 7.65 11.00
C PRO C 21 17.52 7.57 10.75
N VAL C 22 16.77 8.32 11.55
CA VAL C 22 15.32 8.39 11.42
C VAL C 22 14.94 9.82 11.08
N LEU C 23 14.11 9.97 10.07
CA LEU C 23 13.48 11.23 9.75
C LEU C 23 12.07 11.18 10.28
N VAL C 24 11.79 12.00 11.31
CA VAL C 24 10.47 12.07 11.92
C VAL C 24 9.71 13.24 11.28
N ASP C 25 8.48 12.95 10.79
CA ASP C 25 7.63 13.98 10.19
C ASP C 25 6.44 14.26 11.11
N PHE C 26 6.38 15.49 11.64
CA PHE C 26 5.29 15.88 12.53
C PHE C 26 4.17 16.49 11.72
N TRP C 27 2.98 15.93 11.87
CA TRP C 27 1.86 16.35 11.05
C TRP C 27 0.55 16.29 11.83
N ALA C 28 -0.52 16.78 11.19
CA ALA C 28 -1.89 16.72 11.65
C ALA C 28 -2.80 16.58 10.43
N GLU C 29 -4.00 16.04 10.65
CA GLU C 29 -4.91 15.84 9.53
C GLU C 29 -5.40 17.17 8.92
N TRP C 30 -5.35 18.28 9.66
CA TRP C 30 -5.93 19.54 9.23
C TRP C 30 -4.96 20.46 8.50
N CYS C 31 -3.78 19.98 8.10
CA CYS C 31 -2.76 20.81 7.48
C CYS C 31 -2.54 20.41 6.02
N GLY C 32 -2.69 21.39 5.12
CA GLY C 32 -2.58 21.15 3.69
C GLY C 32 -1.15 20.86 3.26
N PRO C 33 -0.21 21.74 3.67
CA PRO C 33 1.21 21.49 3.43
C PRO C 33 1.70 20.11 3.85
N CYS C 34 1.13 19.52 4.92
CA CYS C 34 1.55 18.18 5.34
C CYS C 34 1.11 17.13 4.33
N LYS C 35 -0.08 17.33 3.71
CA LYS C 35 -0.55 16.52 2.59
C LYS C 35 0.13 16.91 1.27
N GLN C 36 0.78 18.08 1.23
CA GLN C 36 1.63 18.42 0.09
C GLN C 36 2.94 17.63 0.15
N ILE C 37 3.55 17.54 1.34
CA ILE C 37 4.80 16.79 1.48
C ILE C 37 4.58 15.30 1.72
N ALA C 38 3.33 14.87 1.96
CA ALA C 38 3.10 13.49 2.35
C ALA C 38 3.42 12.48 1.25
N PRO C 39 3.04 12.71 -0.02
CA PRO C 39 3.43 11.75 -1.07
C PRO C 39 4.94 11.68 -1.31
N ALA C 40 5.62 12.83 -1.34
CA ALA C 40 7.08 12.83 -1.50
C ALA C 40 7.75 11.96 -0.44
N LEU C 41 7.23 11.95 0.78
CA LEU C 41 7.89 11.17 1.83
C LEU C 41 7.57 9.68 1.71
N GLU C 42 6.45 9.32 1.07
CA GLU C 42 6.18 7.90 0.81
C GLU C 42 7.08 7.32 -0.27
N GLN C 43 7.48 8.14 -1.25
CA GLN C 43 8.51 7.68 -2.16
C GLN C 43 9.85 7.57 -1.44
N LEU C 44 10.18 8.57 -0.63
CA LEU C 44 11.49 8.52 0.02
C LEU C 44 11.58 7.34 0.98
N SER C 45 10.47 6.92 1.57
CA SER C 45 10.54 5.77 2.45
C SER C 45 11.03 4.56 1.68
N GLU C 46 10.59 4.42 0.43
CA GLU C 46 10.99 3.27 -0.38
C GLU C 46 12.31 3.48 -1.11
N GLU C 47 12.55 4.67 -1.70
CA GLU C 47 13.84 4.90 -2.36
C GLU C 47 14.99 4.75 -1.37
N LEU C 48 14.86 5.29 -0.17
CA LEU C 48 15.95 5.28 0.80
C LEU C 48 15.81 4.22 1.87
N ALA C 49 14.96 3.22 1.64
CA ALA C 49 15.02 2.03 2.46
C ALA C 49 16.44 1.50 2.45
N ASP C 50 16.83 0.87 3.56
CA ASP C 50 18.19 0.42 3.85
C ASP C 50 19.14 1.57 4.17
N VAL C 51 18.67 2.83 4.22
CA VAL C 51 19.52 3.96 4.64
C VAL C 51 18.90 4.80 5.76
N VAL C 52 17.63 5.20 5.61
CA VAL C 52 16.96 6.10 6.56
C VAL C 52 15.53 5.64 6.80
N THR C 53 15.15 5.49 8.06
CA THR C 53 13.74 5.28 8.40
C THR C 53 12.99 6.60 8.32
N ILE C 54 11.83 6.58 7.69
CA ILE C 54 11.00 7.76 7.62
C ILE C 54 9.75 7.47 8.43
N ALA C 55 9.66 8.16 9.56
CA ALA C 55 8.58 8.02 10.50
C ALA C 55 7.67 9.24 10.45
N LYS C 56 6.39 9.01 10.74
CA LYS C 56 5.39 10.08 10.84
C LYS C 56 4.75 10.06 12.22
N VAL C 57 4.72 11.23 12.84
CA VAL C 57 4.10 11.44 14.15
C VAL C 57 2.94 12.40 13.94
N ASN C 58 1.74 12.00 14.38
CA ASN C 58 0.54 12.83 14.25
C ASN C 58 0.42 13.63 15.55
N ILE C 59 0.51 14.96 15.45
CA ILE C 59 0.61 15.76 16.65
C ILE C 59 -0.72 15.85 17.40
N GLU C 60 -1.83 15.45 16.77
CA GLU C 60 -3.12 15.49 17.43
C GLU C 60 -3.41 14.20 18.20
N ASP C 61 -2.70 13.12 17.89
CA ASP C 61 -2.84 11.88 18.62
C ASP C 61 -1.76 11.70 19.67
N SER C 62 -0.58 12.27 19.44
CA SER C 62 0.58 12.11 20.30
C SER C 62 1.17 13.49 20.55
N PRO C 63 0.72 14.18 21.61
CA PRO C 63 1.22 15.54 21.87
C PRO C 63 2.57 15.60 22.56
N THR C 64 2.98 14.61 23.37
CA THR C 64 4.15 14.87 24.22
C THR C 64 5.44 14.91 23.43
N THR C 65 5.58 14.08 22.41
CA THR C 65 6.84 14.04 21.66
C THR C 65 7.11 15.33 20.89
N PRO C 66 6.12 15.93 20.21
CA PRO C 66 6.38 17.24 19.57
C PRO C 66 6.62 18.34 20.60
N SER C 67 5.94 18.30 21.74
CA SER C 67 6.23 19.22 22.85
C SER C 67 7.68 19.13 23.24
N ARG C 68 8.18 17.90 23.33
CA ARG C 68 9.51 17.60 23.82
C ARG C 68 10.61 18.15 22.91
N TYR C 69 10.37 18.24 21.60
CA TYR C 69 11.41 18.70 20.67
C TYR C 69 11.06 20.06 20.06
N GLY C 70 10.12 20.76 20.66
CA GLY C 70 9.93 22.17 20.41
C GLY C 70 9.30 22.48 19.08
N VAL C 71 8.35 21.65 18.64
CA VAL C 71 7.63 21.89 17.40
C VAL C 71 6.65 23.03 17.59
N ARG C 72 6.75 24.03 16.70
CA ARG C 72 5.86 25.18 16.73
C ARG C 72 4.99 25.28 15.49
N GLY C 73 5.40 24.71 14.36
CA GLY C 73 4.55 24.65 13.19
C GLY C 73 4.71 23.32 12.47
N ILE C 74 3.74 23.02 11.61
CA ILE C 74 3.76 21.75 10.88
C ILE C 74 3.49 22.04 9.41
N PRO C 75 4.11 21.28 8.48
CA PRO C 75 5.12 20.20 8.61
C PRO C 75 6.45 20.60 9.28
N THR C 76 6.93 19.71 10.15
CA THR C 76 8.29 19.78 10.71
C THR C 76 8.90 18.41 10.59
N MET C 77 10.07 18.35 9.98
CA MET C 77 10.83 17.13 9.84
C MET C 77 12.10 17.26 10.68
N MET C 78 12.42 16.25 11.48
CA MET C 78 13.59 16.32 12.34
C MET C 78 14.40 15.07 12.09
N LEU C 79 15.72 15.23 11.94
CA LEU C 79 16.59 14.09 11.71
C LEU C 79 17.16 13.64 13.05
N PHE C 80 17.03 12.35 13.34
CA PHE C 80 17.56 11.78 14.57
C PHE C 80 18.64 10.77 14.22
N ARG C 81 19.69 10.76 15.02
CA ARG C 81 20.84 9.87 14.81
C ARG C 81 21.37 9.43 16.16
N ASP C 82 21.41 8.12 16.36
CA ASP C 82 21.85 7.50 17.61
C ASP C 82 21.24 8.23 18.81
N GLY C 83 19.93 8.40 18.75
CA GLY C 83 19.17 8.92 19.85
C GLY C 83 19.14 10.41 20.00
N GLN C 84 19.87 11.16 19.16
CA GLN C 84 20.03 12.59 19.32
C GLN C 84 19.34 13.28 18.15
N MET C 85 18.69 14.41 18.40
CA MET C 85 18.06 15.15 17.31
C MET C 85 19.10 16.07 16.69
N THR C 86 19.38 15.87 15.40
CA THR C 86 20.59 16.42 14.78
C THR C 86 20.34 17.57 13.81
N SER C 87 19.14 17.74 13.29
CA SER C 87 18.81 18.75 12.29
C SER C 87 17.29 18.80 12.18
N MET C 88 16.78 19.86 11.55
CA MET C 88 15.33 19.98 11.34
C MET C 88 15.05 20.90 10.15
N LYS C 89 13.85 20.76 9.60
CA LYS C 89 13.34 21.59 8.53
C LYS C 89 11.84 21.81 8.75
N VAL C 90 11.40 23.07 8.67
CA VAL C 90 10.03 23.46 8.94
C VAL C 90 9.37 23.83 7.62
N GLY C 91 8.09 23.50 7.48
CA GLY C 91 7.33 23.88 6.30
C GLY C 91 7.50 22.92 5.14
N ALA C 92 6.55 23.02 4.19
CA ALA C 92 6.58 22.19 2.98
C ALA C 92 7.81 22.48 2.12
N MET C 93 8.25 21.43 1.40
CA MET C 93 9.52 21.47 0.70
C MET C 93 9.52 20.45 -0.42
N PRO C 94 10.15 20.74 -1.57
CA PRO C 94 10.26 19.76 -2.66
C PRO C 94 11.00 18.50 -2.22
N LYS C 95 10.73 17.41 -2.93
CA LYS C 95 11.41 16.14 -2.62
C LYS C 95 12.93 16.27 -2.79
N GLN C 96 13.38 16.98 -3.84
CA GLN C 96 14.82 17.00 -4.09
C GLN C 96 15.55 17.84 -3.08
N LYS C 97 14.87 18.81 -2.47
CA LYS C 97 15.45 19.55 -1.36
C LYS C 97 15.60 18.68 -0.10
N ILE C 98 14.68 17.72 0.11
CA ILE C 98 14.78 16.80 1.23
C ILE C 98 15.93 15.83 1.02
N LEU C 99 16.13 15.39 -0.23
CA LEU C 99 17.32 14.61 -0.56
C LEU C 99 18.59 15.40 -0.29
N GLU C 100 18.60 16.68 -0.67
CA GLU C 100 19.80 17.49 -0.47
C GLU C 100 20.10 17.66 1.00
N TRP C 101 19.07 17.93 1.80
CA TRP C 101 19.24 18.12 3.24
C TRP C 101 19.76 16.84 3.90
N LEU C 102 19.27 15.68 3.48
CA LEU C 102 19.78 14.44 4.06
C LEU C 102 21.18 14.11 3.58
N ASN C 103 21.57 14.56 2.38
CA ASN C 103 22.93 14.27 1.95
C ASN C 103 23.93 15.05 2.79
N GLU C 104 23.60 16.30 3.09
CA GLU C 104 24.52 17.14 3.85
C GLU C 104 24.53 16.77 5.33
N ALA C 105 23.38 16.34 5.84
CA ALA C 105 23.33 15.76 7.18
C ALA C 105 24.22 14.55 7.27
N GLY C 106 24.27 13.75 6.20
CA GLY C 106 25.11 12.56 6.21
C GLY C 106 26.58 12.92 6.16
N VAL C 107 26.94 13.93 5.37
CA VAL C 107 28.34 14.35 5.34
C VAL C 107 28.72 14.97 6.67
N GLN C 108 27.84 15.79 7.25
CA GLN C 108 28.18 16.41 8.54
C GLN C 108 28.40 15.34 9.61
N ALA C 109 27.55 14.31 9.64
CA ALA C 109 27.71 13.28 10.66
C ALA C 109 28.94 12.42 10.43
N ALA C 110 29.37 12.29 9.19
CA ALA C 110 30.50 11.43 8.89
C ALA C 110 31.83 12.10 9.19
N LEU C 111 31.89 13.43 9.22
CA LEU C 111 33.16 14.10 9.38
C LEU C 111 33.49 14.42 10.85
N GLU C 112 32.66 13.96 11.81
CA GLU C 112 33.01 13.94 13.25
C GLU C 112 33.05 12.50 13.84
#